data_6OQY
#
_entry.id   6OQY
#
_cell.length_a   46.683
_cell.length_b   46.683
_cell.length_c   217.956
_cell.angle_alpha   90.00
_cell.angle_beta   90.00
_cell.angle_gamma   90.00
#
_symmetry.space_group_name_H-M   'P 43 21 2'
#
loop_
_entity.id
_entity.type
_entity.pdbx_description
1 polymer 'Nuclear receptor subfamily 5 group A member 2'
2 polymer 'Nuclear receptor coactivator 2'
3 non-polymer 'N-[(1S,3aR,6aR)-5-hexyl-4-phenyl-3a-(1-phenylethenyl)-1,2,3,3a,6,6a-hexahydropentalen-1-yl]sulfuric diamide'
4 water water
#
loop_
_entity_poly.entity_id
_entity_poly.type
_entity_poly.pdbx_seq_one_letter_code
_entity_poly.pdbx_strand_id
1 'polypeptide(L)'
;SNASIPHLILELLKCEPDEPQVQAKIMAYLQQEQANRSKHEKLSTFGLMCKMADQTLFSIVEWARSSIFFRELKVDDQMK
LLQNCWSELLILDHIYRQVVHGKEGSIFLVTGQQVDYSIIASQAGATLNNLMSHAQELVAKLRSLQFDQREFVCLKFLVL
FSLDVKNLENFQLVEGVQEQVNAALLDYTMCNYPQQTEKFGQLLLRLPEIRAISMQAEEYLYYKHLNGDVPYNNLLIEML
HAKRA
;
A
2 'polypeptide(L)' KENALLRYLLDKDDT C
#
loop_
_chem_comp.id
_chem_comp.type
_chem_comp.name
_chem_comp.formula
N2J non-polymer 'N-[(1S,3aR,6aR)-5-hexyl-4-phenyl-3a-(1-phenylethenyl)-1,2,3,3a,6,6a-hexahydropentalen-1-yl]sulfuric diamide' 'C28 H36 N2 O2 S'
#
# COMPACT_ATOMS: atom_id res chain seq x y z
N SER A 4 21.82 -16.04 -3.63
CA SER A 4 21.38 -16.01 -2.23
C SER A 4 20.54 -14.78 -1.95
N ILE A 5 20.13 -14.62 -0.70
CA ILE A 5 19.28 -13.51 -0.27
C ILE A 5 20.07 -12.68 0.73
N PRO A 6 20.32 -11.39 0.47
CA PRO A 6 20.99 -10.54 1.45
C PRO A 6 20.31 -10.61 2.80
N HIS A 7 21.12 -10.63 3.86
CA HIS A 7 20.58 -10.68 5.22
C HIS A 7 19.54 -9.58 5.43
N LEU A 8 19.77 -8.41 4.85
CA LEU A 8 18.85 -7.29 5.05
C LEU A 8 17.46 -7.63 4.53
N ILE A 9 17.38 -8.25 3.36
CA ILE A 9 16.08 -8.64 2.82
C ILE A 9 15.41 -9.69 3.70
N LEU A 10 16.21 -10.56 4.32
CA LEU A 10 15.64 -11.51 5.27
C LEU A 10 15.01 -10.79 6.45
N GLU A 11 15.68 -9.75 6.97
CA GLU A 11 15.12 -8.98 8.07
C GLU A 11 13.84 -8.27 7.65
N LEU A 12 13.78 -7.79 6.41
CA LEU A 12 12.56 -7.17 5.92
C LEU A 12 11.42 -8.18 5.87
N LEU A 13 11.71 -9.40 5.42
CA LEU A 13 10.67 -10.43 5.33
C LEU A 13 10.11 -10.78 6.70
N LYS A 14 10.94 -10.75 7.74
CA LYS A 14 10.48 -11.10 9.08
C LYS A 14 9.52 -10.07 9.67
N CYS A 15 9.32 -8.94 9.00
CA CYS A 15 8.35 -7.94 9.42
C CYS A 15 7.04 -8.02 8.64
N GLU A 16 6.97 -8.90 7.64
CA GLU A 16 5.74 -9.04 6.87
C GLU A 16 4.68 -9.76 7.70
N PRO A 17 3.47 -9.22 7.82
CA PRO A 17 2.42 -9.96 8.53
C PRO A 17 1.99 -11.17 7.73
N ASP A 18 1.37 -12.11 8.44
CA ASP A 18 0.77 -13.27 7.78
C ASP A 18 -0.41 -12.80 6.94
N GLU A 19 -0.25 -12.79 5.62
CA GLU A 19 -1.28 -12.26 4.74
C GLU A 19 -2.66 -12.84 5.01
N PRO A 20 -2.83 -14.16 5.15
CA PRO A 20 -4.17 -14.68 5.48
C PRO A 20 -4.76 -14.04 6.73
N GLN A 21 -3.94 -13.81 7.76
CA GLN A 21 -4.48 -13.29 9.01
C GLN A 21 -5.03 -11.89 8.85
N VAL A 22 -4.36 -11.04 8.07
CA VAL A 22 -4.85 -9.66 7.91
C VAL A 22 -6.04 -9.64 6.95
N GLN A 23 -6.06 -10.53 5.96
CA GLN A 23 -7.22 -10.60 5.07
C GLN A 23 -8.46 -11.05 5.84
N ALA A 24 -8.37 -12.17 6.56
CA ALA A 24 -9.50 -12.66 7.33
C ALA A 24 -9.93 -11.63 8.37
N LYS A 25 -8.97 -10.94 8.98
CA LYS A 25 -9.29 -9.92 9.98
C LYS A 25 -10.11 -8.79 9.36
N ILE A 26 -9.69 -8.30 8.18
CA ILE A 26 -10.44 -7.24 7.52
C ILE A 26 -11.81 -7.76 7.08
N MET A 27 -11.85 -8.94 6.48
CA MET A 27 -13.13 -9.53 6.09
C MET A 27 -14.06 -9.63 7.29
N ALA A 28 -13.54 -10.10 8.42
CA ALA A 28 -14.36 -10.18 9.63
C ALA A 28 -14.92 -8.81 10.02
N TYR A 29 -14.09 -7.77 9.91
CA TYR A 29 -14.54 -6.43 10.27
C TYR A 29 -15.71 -5.98 9.40
N LEU A 30 -15.55 -6.07 8.07
CA LEU A 30 -16.59 -5.60 7.18
C LEU A 30 -17.86 -6.43 7.30
N GLN A 31 -17.74 -7.70 7.65
CA GLN A 31 -18.94 -8.54 7.82
C GLN A 31 -19.78 -8.04 8.98
N GLN A 32 -19.14 -7.58 10.07
CA GLN A 32 -19.89 -7.06 11.20
C GLN A 32 -20.49 -5.69 10.89
N GLU A 33 -19.81 -4.89 10.08
CA GLU A 33 -20.35 -3.59 9.68
C GLU A 33 -21.71 -3.75 9.04
N GLN A 34 -21.79 -4.48 7.92
CA GLN A 34 -23.06 -4.66 7.24
C GLN A 34 -24.03 -5.50 8.06
N ALA A 35 -23.52 -6.48 8.79
CA ALA A 35 -24.39 -7.31 9.64
C ALA A 35 -25.11 -6.44 10.66
N ASN A 36 -24.44 -5.44 11.21
CA ASN A 36 -25.04 -4.53 12.16
C ASN A 36 -25.83 -3.41 11.50
N ARG A 37 -25.82 -3.34 10.17
CA ARG A 37 -26.71 -2.44 9.44
C ARG A 37 -28.09 -3.08 9.30
N SER A 38 -29.10 -2.23 9.12
CA SER A 38 -30.45 -2.71 8.87
C SER A 38 -30.59 -3.15 7.42
N LYS A 39 -31.75 -3.75 7.12
CA LYS A 39 -32.07 -4.01 5.72
C LYS A 39 -32.23 -2.71 4.96
N HIS A 40 -32.71 -1.66 5.62
CA HIS A 40 -32.71 -0.34 5.04
C HIS A 40 -31.29 0.19 4.91
N GLU A 41 -31.11 1.14 3.99
CA GLU A 41 -29.81 1.73 3.70
C GLU A 41 -28.69 0.68 3.68
N SER A 44 -23.60 1.69 -0.36
CA SER A 44 -23.01 1.78 -1.70
C SER A 44 -21.79 0.87 -1.80
N THR A 45 -21.30 0.71 -3.02
CA THR A 45 -20.09 -0.07 -3.27
C THR A 45 -18.83 0.77 -3.10
N PHE A 46 -18.82 1.98 -3.68
CA PHE A 46 -17.70 2.90 -3.45
C PHE A 46 -17.46 3.10 -1.97
N GLY A 47 -18.54 3.19 -1.18
CA GLY A 47 -18.38 3.28 0.25
C GLY A 47 -17.82 2.00 0.85
N LEU A 48 -18.23 0.85 0.32
CA LEU A 48 -17.72 -0.42 0.81
C LEU A 48 -16.23 -0.56 0.55
N MET A 49 -15.71 0.11 -0.49
CA MET A 49 -14.27 0.12 -0.73
C MET A 49 -13.56 1.08 0.20
N CYS A 50 -14.16 2.24 0.48
CA CYS A 50 -13.57 3.18 1.43
C CYS A 50 -13.27 2.51 2.76
N LYS A 51 -14.20 1.66 3.23
CA LYS A 51 -13.99 0.99 4.51
C LYS A 51 -12.98 -0.15 4.39
N MET A 52 -12.98 -0.85 3.25
CA MET A 52 -11.93 -1.83 3.00
C MET A 52 -10.56 -1.16 2.97
N ALA A 53 -10.44 -0.06 2.22
CA ALA A 53 -9.19 0.69 2.21
C ALA A 53 -8.88 1.27 3.57
N ASP A 54 -9.92 1.62 4.34
CA ASP A 54 -9.71 2.13 5.69
C ASP A 54 -9.06 1.07 6.57
N GLN A 55 -9.64 -0.12 6.62
CA GLN A 55 -9.09 -1.18 7.45
C GLN A 55 -7.72 -1.65 6.95
N THR A 56 -7.50 -1.60 5.63
CA THR A 56 -6.18 -1.91 5.11
C THR A 56 -5.14 -0.92 5.62
N LEU A 57 -5.54 0.35 5.77
CA LEU A 57 -4.64 1.35 6.36
C LEU A 57 -4.23 0.97 7.77
N PHE A 58 -5.19 0.51 8.58
CA PHE A 58 -4.87 0.11 9.95
C PHE A 58 -3.78 -0.96 9.97
N SER A 59 -3.89 -1.96 9.10
CA SER A 59 -2.88 -3.01 9.05
C SER A 59 -1.55 -2.47 8.55
N ILE A 60 -1.59 -1.56 7.57
CA ILE A 60 -0.36 -0.95 7.07
C ILE A 60 0.35 -0.21 8.19
N VAL A 61 -0.39 0.55 8.99
CA VAL A 61 0.22 1.27 10.10
C VAL A 61 0.84 0.29 11.08
N GLU A 62 0.12 -0.78 11.40
CA GLU A 62 0.65 -1.76 12.36
C GLU A 62 1.87 -2.48 11.81
N TRP A 63 1.92 -2.72 10.50
CA TRP A 63 3.10 -3.34 9.90
C TRP A 63 4.33 -2.45 10.09
N ALA A 64 4.25 -1.20 9.59
CA ALA A 64 5.38 -0.29 9.74
C ALA A 64 5.77 -0.13 11.20
N ARG A 65 4.79 0.05 12.07
CA ARG A 65 5.07 0.30 13.49
C ARG A 65 6.04 -0.73 14.07
N SER A 66 5.84 -2.01 13.74
CA SER A 66 6.66 -3.09 14.27
C SER A 66 7.80 -3.47 13.33
N SER A 67 8.02 -2.71 12.25
CA SER A 67 9.05 -3.06 11.28
C SER A 67 10.42 -2.59 11.74
N ILE A 68 11.45 -3.35 11.33
CA ILE A 68 12.82 -2.97 11.63
C ILE A 68 13.09 -1.57 11.11
N PHE A 69 13.97 -0.86 11.82
CA PHE A 69 14.37 0.51 11.48
C PHE A 69 13.25 1.49 11.80
N PHE A 70 12.07 1.29 11.22
CA PHE A 70 10.96 2.20 11.46
C PHE A 70 10.61 2.27 12.94
N ARG A 71 10.64 1.13 13.63
CA ARG A 71 10.32 1.11 15.05
C ARG A 71 11.31 1.90 15.90
N GLU A 72 12.46 2.29 15.33
CA GLU A 72 13.44 3.08 16.04
C GLU A 72 13.28 4.57 15.81
N LEU A 73 12.34 4.98 14.96
CA LEU A 73 12.05 6.40 14.77
C LEU A 73 11.11 6.89 15.85
N LYS A 74 11.28 8.16 16.21
CA LYS A 74 10.33 8.80 17.11
C LYS A 74 8.99 8.95 16.41
N VAL A 75 7.93 9.05 17.22
CA VAL A 75 6.57 9.06 16.68
C VAL A 75 6.40 10.21 15.68
N ASP A 76 6.97 11.37 15.99
CA ASP A 76 6.89 12.49 15.06
C ASP A 76 7.46 12.13 13.70
N ASP A 77 8.60 11.42 13.69
CA ASP A 77 9.16 10.97 12.41
C ASP A 77 8.30 9.89 11.78
N GLN A 78 7.80 8.95 12.58
CA GLN A 78 6.94 7.90 12.04
C GLN A 78 5.73 8.47 11.34
N MET A 79 5.15 9.54 11.89
CA MET A 79 3.96 10.13 11.30
C MET A 79 4.30 10.82 9.98
N LYS A 80 5.44 11.51 9.92
CA LYS A 80 5.81 12.20 8.69
C LYS A 80 6.03 11.22 7.55
N LEU A 81 6.69 10.10 7.83
CA LEU A 81 6.90 9.09 6.79
C LEU A 81 5.58 8.48 6.35
N LEU A 82 4.74 8.07 7.30
CA LEU A 82 3.48 7.42 6.95
C LEU A 82 2.52 8.40 6.29
N GLN A 83 2.53 9.66 6.74
CA GLN A 83 1.67 10.66 6.12
C GLN A 83 2.05 10.87 4.67
N ASN A 84 3.33 10.67 4.33
CA ASN A 84 3.79 10.93 2.97
C ASN A 84 3.52 9.76 2.03
N CYS A 85 3.46 8.54 2.54
CA CYS A 85 3.46 7.37 1.68
C CYS A 85 2.25 6.45 1.85
N TRP A 86 1.28 6.79 2.71
CA TRP A 86 0.21 5.85 3.01
C TRP A 86 -0.55 5.47 1.74
N SER A 87 -0.82 6.42 0.86
CA SER A 87 -1.52 6.11 -0.37
C SER A 87 -0.69 5.22 -1.28
N GLU A 88 0.63 5.46 -1.33
CA GLU A 88 1.50 4.62 -2.13
C GLU A 88 1.46 3.17 -1.68
N LEU A 89 1.42 2.95 -0.37
CA LEU A 89 1.40 1.57 0.15
C LEU A 89 0.07 0.90 -0.15
N LEU A 90 -1.03 1.64 -0.11
CA LEU A 90 -2.32 1.06 -0.49
C LEU A 90 -2.29 0.61 -1.94
N ILE A 91 -1.77 1.46 -2.83
CA ILE A 91 -1.70 1.13 -4.25
C ILE A 91 -0.74 -0.04 -4.46
N LEU A 92 0.47 0.05 -3.92
CA LEU A 92 1.43 -1.02 -4.06
C LEU A 92 0.86 -2.34 -3.52
N ASP A 93 0.21 -2.29 -2.37
CA ASP A 93 -0.44 -3.48 -1.84
C ASP A 93 -1.50 -4.01 -2.80
N HIS A 94 -2.31 -3.10 -3.35
CA HIS A 94 -3.30 -3.49 -4.35
C HIS A 94 -2.64 -4.14 -5.56
N ILE A 95 -1.63 -3.48 -6.12
CA ILE A 95 -0.95 -3.98 -7.31
C ILE A 95 -0.40 -5.38 -7.06
N TYR A 96 0.29 -5.57 -5.94
CA TYR A 96 0.89 -6.87 -5.65
C TYR A 96 -0.17 -7.96 -5.51
N ARG A 97 -1.34 -7.61 -4.97
CA ARG A 97 -2.41 -8.60 -4.83
C ARG A 97 -2.86 -9.10 -6.19
N GLN A 98 -2.92 -8.21 -7.19
CA GLN A 98 -3.34 -8.63 -8.53
C GLN A 98 -2.25 -9.45 -9.21
N VAL A 99 -0.99 -9.08 -9.01
CA VAL A 99 0.11 -9.88 -9.55
C VAL A 99 0.03 -11.30 -9.03
N VAL A 100 -0.26 -11.46 -7.74
CA VAL A 100 -0.28 -12.79 -7.13
C VAL A 100 -1.57 -13.53 -7.47
N HIS A 101 -2.72 -12.91 -7.16
CA HIS A 101 -4.02 -13.57 -7.30
C HIS A 101 -4.82 -13.06 -8.50
N GLY A 102 -4.34 -12.05 -9.20
CA GLY A 102 -5.17 -11.38 -10.19
C GLY A 102 -5.48 -12.29 -11.37
N LYS A 103 -6.76 -12.33 -11.75
CA LYS A 103 -7.21 -12.98 -12.97
C LYS A 103 -7.68 -11.92 -13.94
N GLU A 104 -7.59 -12.23 -15.24
CA GLU A 104 -7.97 -11.25 -16.24
C GLU A 104 -9.46 -10.91 -16.14
N GLY A 105 -9.75 -9.63 -16.03
CA GLY A 105 -11.12 -9.17 -15.98
C GLY A 105 -11.74 -9.14 -14.61
N SER A 106 -10.94 -9.20 -13.54
CA SER A 106 -11.49 -9.15 -12.19
C SER A 106 -10.49 -8.47 -11.27
N ILE A 107 -11.00 -8.09 -10.09
CA ILE A 107 -10.23 -7.41 -9.06
C ILE A 107 -10.27 -8.26 -7.81
N PHE A 108 -9.11 -8.48 -7.21
CA PHE A 108 -9.02 -9.18 -5.94
C PHE A 108 -8.90 -8.16 -4.82
N LEU A 109 -9.84 -8.20 -3.90
CA LEU A 109 -9.89 -7.27 -2.79
C LEU A 109 -9.14 -7.84 -1.59
N VAL A 110 -8.83 -6.97 -0.63
CA VAL A 110 -8.02 -7.36 0.51
C VAL A 110 -8.73 -8.40 1.35
N THR A 111 -10.06 -8.50 1.24
CA THR A 111 -10.81 -9.53 1.95
C THR A 111 -10.76 -10.88 1.25
N GLY A 112 -10.10 -10.98 0.10
CA GLY A 112 -10.08 -12.21 -0.67
C GLY A 112 -11.19 -12.32 -1.69
N GLN A 113 -12.16 -11.42 -1.67
CA GLN A 113 -13.25 -11.48 -2.64
C GLN A 113 -12.74 -11.12 -4.03
N GLN A 114 -13.33 -11.77 -5.03
CA GLN A 114 -13.03 -11.50 -6.43
C GLN A 114 -14.22 -10.80 -7.06
N VAL A 115 -13.97 -9.64 -7.67
CA VAL A 115 -15.02 -8.82 -8.26
C VAL A 115 -14.73 -8.62 -9.74
N ASP A 116 -15.77 -8.77 -10.56
CA ASP A 116 -15.63 -8.61 -11.99
C ASP A 116 -15.43 -7.15 -12.36
N TYR A 117 -14.63 -6.91 -13.39
CA TYR A 117 -14.34 -5.53 -13.81
C TYR A 117 -15.61 -4.82 -14.25
N SER A 118 -16.45 -5.49 -15.05
CA SER A 118 -17.66 -4.85 -15.54
C SER A 118 -18.51 -4.29 -14.41
N ILE A 119 -18.50 -4.93 -13.24
CA ILE A 119 -19.27 -4.43 -12.11
C ILE A 119 -18.62 -3.18 -11.53
N ILE A 120 -17.30 -3.21 -11.36
CA ILE A 120 -16.60 -2.05 -10.82
C ILE A 120 -16.67 -0.87 -11.79
N ALA A 121 -16.33 -1.12 -13.06
CA ALA A 121 -16.25 -0.04 -14.03
C ALA A 121 -17.56 0.74 -14.14
N SER A 122 -18.70 0.06 -13.95
CA SER A 122 -19.98 0.74 -14.08
C SER A 122 -20.22 1.76 -12.98
N GLN A 123 -19.56 1.61 -11.83
CA GLN A 123 -19.81 2.44 -10.67
C GLN A 123 -18.67 3.36 -10.29
N ALA A 124 -17.42 2.98 -10.61
CA ALA A 124 -16.27 3.71 -10.10
C ALA A 124 -16.24 5.14 -10.61
N GLY A 125 -16.58 5.36 -11.88
CA GLY A 125 -16.50 6.67 -12.49
C GLY A 125 -15.27 6.81 -13.37
N ALA A 126 -15.28 7.87 -14.18
CA ALA A 126 -14.23 8.05 -15.18
C ALA A 126 -12.85 8.13 -14.51
N THR A 127 -12.72 8.97 -13.48
CA THR A 127 -11.40 9.17 -12.88
C THR A 127 -10.87 7.88 -12.27
N LEU A 128 -11.66 7.25 -11.38
CA LEU A 128 -11.17 6.05 -10.71
C LEU A 128 -10.94 4.92 -11.71
N ASN A 129 -11.82 4.77 -12.70
CA ASN A 129 -11.57 3.78 -13.74
C ASN A 129 -10.22 4.03 -14.40
N ASN A 130 -9.93 5.28 -14.76
CA ASN A 130 -8.65 5.60 -15.38
C ASN A 130 -7.49 5.27 -14.47
N LEU A 131 -7.62 5.55 -13.17
CA LEU A 131 -6.54 5.25 -12.23
C LEU A 131 -6.36 3.76 -12.06
N MET A 132 -7.46 2.99 -12.03
CA MET A 132 -7.34 1.54 -11.89
C MET A 132 -6.70 0.93 -13.13
N SER A 133 -7.04 1.44 -14.32
CA SER A 133 -6.46 0.87 -15.53
C SER A 133 -4.96 1.08 -15.56
N HIS A 134 -4.50 2.28 -15.19
CA HIS A 134 -3.07 2.53 -15.11
C HIS A 134 -2.40 1.56 -14.13
N ALA A 135 -3.09 1.23 -13.04
CA ALA A 135 -2.55 0.27 -12.09
C ALA A 135 -2.45 -1.12 -12.72
N GLN A 136 -3.45 -1.52 -13.50
CA GLN A 136 -3.40 -2.81 -14.17
C GLN A 136 -2.24 -2.88 -15.15
N GLU A 137 -1.95 -1.77 -15.84
CA GLU A 137 -0.78 -1.75 -16.71
C GLU A 137 0.49 -2.02 -15.92
N LEU A 138 0.56 -1.51 -14.69
CA LEU A 138 1.66 -1.87 -13.80
C LEU A 138 1.59 -3.33 -13.40
N VAL A 139 0.39 -3.87 -13.25
CA VAL A 139 0.24 -5.28 -12.90
C VAL A 139 0.80 -6.15 -14.01
N ALA A 140 0.39 -5.90 -15.24
CA ALA A 140 0.89 -6.69 -16.37
C ALA A 140 2.40 -6.61 -16.46
N LYS A 141 2.96 -5.40 -16.33
CA LYS A 141 4.41 -5.26 -16.39
C LYS A 141 5.09 -6.04 -15.28
N LEU A 142 4.64 -5.84 -14.03
CA LEU A 142 5.27 -6.52 -12.91
C LEU A 142 5.11 -8.02 -13.01
N ARG A 143 4.01 -8.50 -13.59
CA ARG A 143 3.86 -9.94 -13.78
C ARG A 143 4.83 -10.46 -14.84
N SER A 144 5.04 -9.67 -15.91
CA SER A 144 5.97 -10.08 -16.94
C SER A 144 7.42 -10.04 -16.46
N LEU A 145 7.71 -9.27 -15.42
CA LEU A 145 9.03 -9.26 -14.79
C LEU A 145 9.17 -10.34 -13.72
N GLN A 146 8.11 -11.07 -13.40
CA GLN A 146 8.13 -12.06 -12.32
C GLN A 146 8.37 -11.39 -10.97
N PHE A 147 7.72 -10.26 -10.75
CA PHE A 147 7.73 -9.59 -9.46
C PHE A 147 7.41 -10.58 -8.34
N ASP A 148 8.35 -10.75 -7.41
CA ASP A 148 8.21 -11.73 -6.34
C ASP A 148 8.15 -11.03 -4.98
N GLN A 149 7.99 -11.85 -3.93
CA GLN A 149 7.74 -11.30 -2.60
C GLN A 149 8.95 -10.52 -2.07
N ARG A 150 10.16 -11.03 -2.31
CA ARG A 150 11.34 -10.32 -1.83
C ARG A 150 11.43 -8.94 -2.45
N GLU A 151 11.22 -8.85 -3.76
CA GLU A 151 11.18 -7.55 -4.41
C GLU A 151 10.03 -6.70 -3.90
N PHE A 152 8.94 -7.33 -3.49
CA PHE A 152 7.78 -6.59 -3.00
C PHE A 152 8.11 -5.88 -1.68
N VAL A 153 8.70 -6.60 -0.73
CA VAL A 153 9.00 -5.99 0.57
CA VAL A 153 8.99 -5.98 0.57
C VAL A 153 10.06 -4.90 0.42
N CYS A 154 10.99 -5.06 -0.52
CA CYS A 154 11.99 -4.02 -0.75
C CYS A 154 11.32 -2.73 -1.21
N LEU A 155 10.43 -2.83 -2.20
CA LEU A 155 9.72 -1.64 -2.67
C LEU A 155 8.88 -1.04 -1.55
N LYS A 156 8.29 -1.88 -0.70
CA LYS A 156 7.53 -1.36 0.44
C LYS A 156 8.41 -0.44 1.29
N PHE A 157 9.63 -0.87 1.60
CA PHE A 157 10.51 -0.06 2.44
C PHE A 157 11.05 1.15 1.69
N LEU A 158 11.29 1.02 0.38
CA LEU A 158 11.71 2.17 -0.40
C LEU A 158 10.61 3.24 -0.45
N VAL A 159 9.36 2.81 -0.52
CA VAL A 159 8.25 3.75 -0.46
C VAL A 159 8.16 4.37 0.93
N LEU A 160 8.30 3.52 1.96
CA LEU A 160 8.14 3.99 3.34
C LEU A 160 9.26 4.96 3.72
N PHE A 161 10.51 4.56 3.51
CA PHE A 161 11.65 5.41 3.85
C PHE A 161 11.99 6.34 2.69
N SER A 162 11.05 7.25 2.42
CA SER A 162 11.14 8.15 1.28
C SER A 162 12.07 9.32 1.57
N LEU A 163 12.93 9.64 0.62
CA LEU A 163 13.80 10.81 0.73
C LEU A 163 13.05 12.12 0.49
N ASP A 164 11.79 12.06 0.07
CA ASP A 164 10.99 13.26 -0.13
C ASP A 164 10.44 13.83 1.17
N VAL A 165 10.63 13.13 2.29
CA VAL A 165 10.03 13.54 3.56
C VAL A 165 11.00 14.49 4.26
N LYS A 166 10.53 15.71 4.52
CA LYS A 166 11.36 16.79 5.04
C LYS A 166 11.07 17.04 6.51
N ASN A 167 12.03 17.69 7.18
CA ASN A 167 11.90 18.07 8.59
C ASN A 167 11.86 16.85 9.49
N LEU A 168 12.61 15.81 9.14
CA LEU A 168 12.77 14.66 10.00
C LEU A 168 13.86 14.93 11.04
N GLU A 169 13.66 14.40 12.24
CA GLU A 169 14.69 14.51 13.26
C GLU A 169 15.86 13.57 12.96
N ASN A 170 15.58 12.43 12.34
CA ASN A 170 16.60 11.42 12.04
C ASN A 170 16.53 11.06 10.55
N PHE A 171 16.70 12.08 9.70
CA PHE A 171 16.73 11.84 8.26
C PHE A 171 17.91 10.94 7.86
N GLN A 172 18.94 10.85 8.69
CA GLN A 172 20.09 10.02 8.33
C GLN A 172 19.71 8.55 8.32
N LEU A 173 18.87 8.11 9.27
CA LEU A 173 18.39 6.73 9.25
C LEU A 173 17.59 6.46 7.99
N VAL A 174 16.64 7.34 7.66
CA VAL A 174 15.84 7.15 6.45
C VAL A 174 16.74 7.07 5.24
N GLU A 175 17.76 7.93 5.18
CA GLU A 175 18.70 7.92 4.06
C GLU A 175 19.45 6.60 3.99
N GLY A 176 19.90 6.09 5.14
CA GLY A 176 20.62 4.82 5.15
C GLY A 176 19.75 3.65 4.74
N VAL A 177 18.52 3.58 5.27
CA VAL A 177 17.62 2.50 4.90
C VAL A 177 17.32 2.54 3.41
N GLN A 178 17.05 3.73 2.88
CA GLN A 178 16.83 3.88 1.45
C GLN A 178 18.00 3.33 0.66
N GLU A 179 19.23 3.55 1.15
CA GLU A 179 20.42 3.14 0.41
C GLU A 179 20.72 1.66 0.56
N GLN A 180 20.60 1.12 1.78
CA GLN A 180 20.91 -0.29 1.98
C GLN A 180 19.83 -1.19 1.39
N VAL A 181 18.57 -0.76 1.43
CA VAL A 181 17.53 -1.51 0.74
C VAL A 181 17.76 -1.47 -0.76
N ASN A 182 18.16 -0.32 -1.29
CA ASN A 182 18.47 -0.20 -2.71
C ASN A 182 19.58 -1.18 -3.10
N ALA A 183 20.70 -1.14 -2.37
CA ALA A 183 21.82 -2.04 -2.69
C ALA A 183 21.42 -3.50 -2.56
N ALA A 184 20.52 -3.82 -1.63
CA ALA A 184 20.11 -5.20 -1.44
C ALA A 184 19.22 -5.68 -2.58
N LEU A 185 18.30 -4.83 -3.04
CA LEU A 185 17.49 -5.18 -4.20
C LEU A 185 18.34 -5.32 -5.44
N LEU A 186 19.31 -4.42 -5.62
CA LEU A 186 20.23 -4.52 -6.74
C LEU A 186 20.96 -5.85 -6.73
N ASP A 187 21.39 -6.32 -5.55
CA ASP A 187 22.08 -7.59 -5.46
C ASP A 187 21.12 -8.78 -5.57
N TYR A 188 19.90 -8.63 -5.06
CA TYR A 188 18.93 -9.72 -5.15
C TYR A 188 18.56 -10.01 -6.60
N THR A 189 18.28 -8.97 -7.39
CA THR A 189 17.89 -9.18 -8.77
C THR A 189 19.04 -9.72 -9.61
N MET A 190 20.27 -9.45 -9.20
CA MET A 190 21.43 -9.99 -9.92
C MET A 190 21.53 -11.49 -9.73
N CYS A 191 21.61 -11.94 -8.48
CA CYS A 191 21.79 -13.36 -8.19
C CYS A 191 20.61 -14.18 -8.70
N ASN A 192 19.40 -13.77 -8.34
CA ASN A 192 18.21 -14.59 -8.59
C ASN A 192 17.62 -14.37 -9.97
N TYR A 193 17.94 -13.27 -10.65
CA TYR A 193 17.46 -13.01 -12.01
C TYR A 193 18.60 -12.45 -12.85
N PRO A 194 19.68 -13.24 -13.04
CA PRO A 194 20.83 -12.71 -13.77
C PRO A 194 20.54 -12.42 -15.24
N GLN A 195 19.65 -13.20 -15.87
CA GLN A 195 19.31 -12.94 -17.27
C GLN A 195 18.63 -11.59 -17.44
N GLN A 196 17.85 -11.16 -16.44
CA GLN A 196 17.13 -9.89 -16.52
C GLN A 196 18.05 -8.77 -16.07
N THR A 197 18.87 -8.30 -17.01
CA THR A 197 19.72 -7.14 -16.75
C THR A 197 18.91 -5.90 -16.42
N GLU A 198 17.64 -5.85 -16.84
CA GLU A 198 16.82 -4.66 -16.72
C GLU A 198 15.75 -4.79 -15.65
N LYS A 199 15.74 -5.90 -14.91
CA LYS A 199 14.71 -6.09 -13.88
C LYS A 199 14.80 -5.02 -12.81
N PHE A 200 16.00 -4.82 -12.25
CA PHE A 200 16.19 -3.82 -11.21
C PHE A 200 15.63 -2.46 -11.65
N GLY A 201 16.11 -1.96 -12.79
CA GLY A 201 15.62 -0.68 -13.27
C GLY A 201 14.12 -0.68 -13.49
N GLN A 202 13.57 -1.76 -14.04
CA GLN A 202 12.14 -1.83 -14.29
C GLN A 202 11.33 -1.86 -13.00
N LEU A 203 11.91 -2.29 -11.89
CA LEU A 203 11.21 -2.24 -10.62
C LEU A 203 11.21 -0.82 -10.04
N LEU A 204 12.36 -0.15 -10.07
CA LEU A 204 12.44 1.21 -9.55
C LEU A 204 11.56 2.16 -10.34
N LEU A 205 11.46 1.95 -11.66
CA LEU A 205 10.68 2.85 -12.50
C LEU A 205 9.19 2.77 -12.19
N ARG A 206 8.76 1.74 -11.46
CA ARG A 206 7.36 1.64 -11.06
C ARG A 206 7.04 2.50 -9.84
N LEU A 207 8.05 2.89 -9.04
CA LEU A 207 7.76 3.67 -7.84
C LEU A 207 7.26 5.06 -8.18
N PRO A 208 7.86 5.80 -9.12
CA PRO A 208 7.24 7.08 -9.51
C PRO A 208 5.85 6.91 -10.10
N GLU A 209 5.65 5.85 -10.91
CA GLU A 209 4.32 5.59 -11.43
C GLU A 209 3.34 5.26 -10.32
N ILE A 210 3.78 4.51 -9.32
CA ILE A 210 2.94 4.23 -8.16
C ILE A 210 2.65 5.52 -7.39
N ARG A 211 3.67 6.35 -7.20
CA ARG A 211 3.49 7.64 -6.55
C ARG A 211 2.44 8.47 -7.27
N ALA A 212 2.57 8.59 -8.60
CA ALA A 212 1.67 9.43 -9.35
C ALA A 212 0.23 8.94 -9.25
N ILE A 213 0.02 7.63 -9.35
CA ILE A 213 -1.33 7.08 -9.20
C ILE A 213 -1.85 7.34 -7.79
N SER A 214 -0.98 7.23 -6.78
CA SER A 214 -1.42 7.40 -5.41
C SER A 214 -1.78 8.83 -5.10
N MET A 215 -0.93 9.78 -5.52
CA MET A 215 -1.23 11.19 -5.30
C MET A 215 -2.51 11.59 -6.03
N GLN A 216 -2.69 11.12 -7.26
CA GLN A 216 -3.92 11.40 -7.99
C GLN A 216 -5.11 10.77 -7.28
N ALA A 217 -4.96 9.54 -6.80
CA ALA A 217 -6.02 8.90 -6.04
C ALA A 217 -6.34 9.69 -4.78
N GLU A 218 -5.31 10.21 -4.11
CA GLU A 218 -5.53 11.03 -2.93
C GLU A 218 -6.36 12.27 -3.27
N GLU A 219 -5.95 12.99 -4.31
CA GLU A 219 -6.66 14.21 -4.68
C GLU A 219 -8.11 13.93 -5.02
N TYR A 220 -8.38 12.83 -5.73
CA TYR A 220 -9.75 12.53 -6.13
C TYR A 220 -10.61 12.16 -4.94
N LEU A 221 -10.09 11.30 -4.05
CA LEU A 221 -10.85 10.92 -2.87
C LEU A 221 -11.15 12.13 -1.98
N TYR A 222 -10.19 13.05 -1.88
CA TYR A 222 -10.47 14.29 -1.14
C TYR A 222 -11.57 15.08 -1.83
N TYR A 223 -11.55 15.12 -3.16
CA TYR A 223 -12.64 15.76 -3.90
C TYR A 223 -13.98 15.12 -3.55
N LYS A 224 -14.04 13.78 -3.55
CA LYS A 224 -15.27 13.09 -3.19
C LYS A 224 -15.67 13.38 -1.75
N HIS A 225 -14.69 13.51 -0.85
CA HIS A 225 -15.00 13.88 0.52
C HIS A 225 -15.60 15.28 0.60
N LEU A 226 -14.94 16.27 -0.01
CA LEU A 226 -15.51 17.61 -0.09
C LEU A 226 -16.91 17.56 -0.67
N ASN A 227 -17.13 16.71 -1.67
CA ASN A 227 -18.43 16.62 -2.32
C ASN A 227 -19.46 15.90 -1.47
N GLY A 228 -19.05 15.24 -0.39
CA GLY A 228 -19.98 14.59 0.50
C GLY A 228 -20.28 13.15 0.15
N ASP A 229 -19.30 12.41 -0.37
CA ASP A 229 -19.51 11.05 -0.86
C ASP A 229 -18.66 10.04 -0.08
N VAL A 230 -18.35 10.34 1.18
CA VAL A 230 -17.45 9.50 1.96
C VAL A 230 -18.04 9.18 3.33
N PRO A 231 -17.89 7.95 3.82
CA PRO A 231 -18.07 7.72 5.27
C PRO A 231 -17.05 8.55 6.04
N TYR A 232 -17.54 9.30 7.01
CA TYR A 232 -16.80 10.43 7.56
C TYR A 232 -15.94 10.03 8.76
N ASN A 233 -14.84 10.77 8.93
CA ASN A 233 -13.98 10.77 10.12
C ASN A 233 -13.12 9.53 10.28
N ASN A 234 -13.23 8.53 9.41
CA ASN A 234 -12.40 7.34 9.56
C ASN A 234 -10.93 7.70 9.33
N LEU A 235 -10.06 6.70 9.47
CA LEU A 235 -8.63 6.93 9.29
C LEU A 235 -8.31 7.41 7.88
N LEU A 236 -9.04 6.89 6.88
CA LEU A 236 -8.81 7.30 5.50
C LEU A 236 -8.95 8.81 5.35
N ILE A 237 -10.05 9.36 5.87
CA ILE A 237 -10.29 10.80 5.78
C ILE A 237 -9.23 11.57 6.55
N GLU A 238 -8.80 11.05 7.69
CA GLU A 238 -7.84 11.76 8.51
C GLU A 238 -6.49 11.89 7.80
N MET A 239 -6.07 10.84 7.08
CA MET A 239 -4.83 10.93 6.32
C MET A 239 -4.95 11.92 5.18
N LEU A 240 -6.15 12.09 4.62
CA LEU A 240 -6.36 13.07 3.56
C LEU A 240 -6.29 14.49 4.10
N HIS A 241 -6.84 14.72 5.29
CA HIS A 241 -6.75 16.04 5.92
C HIS A 241 -5.30 16.52 5.97
N ALA A 242 -4.44 15.78 6.66
CA ALA A 242 -3.04 16.14 6.79
C ALA A 242 -2.29 15.80 5.51
N ASN B 3 -2.82 14.91 13.15
CA ASN B 3 -3.47 13.63 12.88
C ASN B 3 -3.57 12.83 14.17
N ALA B 4 -4.69 13.00 14.88
CA ALA B 4 -4.83 12.39 16.21
C ALA B 4 -4.90 10.87 16.12
N LEU B 5 -5.63 10.34 15.13
CA LEU B 5 -5.79 8.90 15.04
C LEU B 5 -4.49 8.21 14.63
N LEU B 6 -3.67 8.86 13.79
CA LEU B 6 -2.41 8.25 13.38
C LEU B 6 -1.46 8.14 14.57
N ARG B 7 -1.32 9.22 15.34
CA ARG B 7 -0.47 9.16 16.53
C ARG B 7 -0.97 8.10 17.51
N TYR B 8 -2.29 7.93 17.59
CA TYR B 8 -2.87 6.91 18.47
C TYR B 8 -2.46 5.51 18.01
N LEU B 9 -2.56 5.24 16.72
CA LEU B 9 -2.21 3.92 16.20
C LEU B 9 -0.74 3.59 16.39
N LEU B 10 0.12 4.61 16.50
CA LEU B 10 1.54 4.41 16.74
C LEU B 10 1.90 4.38 18.22
N ASP B 11 1.01 4.85 19.10
CA ASP B 11 1.27 4.90 20.52
C ASP B 11 0.49 3.86 21.33
N LYS B 12 -0.64 3.38 20.83
CA LYS B 12 -1.50 2.52 21.62
C LYS B 12 -0.79 1.21 21.97
N ASP B 13 -1.12 0.68 23.14
CA ASP B 13 -0.51 -0.55 23.64
C ASP B 13 -1.44 -1.74 23.47
C11 N2J C . -9.99 -0.24 -3.97
C12 N2J C . -9.26 -0.18 -5.29
C13 N2J C . -9.79 -1.00 -6.47
C10 N2J C . -9.02 0.31 -2.93
C01 N2J C . -7.39 3.68 -3.13
C02 N2J C . -8.44 2.83 -3.24
C03 N2J C . -9.86 3.40 -2.94
C04 N2J C . -10.18 4.29 -1.88
C05 N2J C . -11.49 4.77 -1.64
C06 N2J C . -12.57 4.37 -2.43
C07 N2J C . -12.30 3.48 -3.48
C08 N2J C . -10.99 3.02 -3.71
C09 N2J C . -8.12 1.33 -3.69
C14 N2J C . -11.29 -0.79 -6.89
C15 N2J C . -11.84 0.68 -6.90
C16 N2J C . -13.32 0.88 -7.40
C17 N2J C . -14.29 1.68 -6.47
C18 N2J C . -15.76 1.73 -6.92
C19 N2J C . -8.34 0.92 -5.23
C20 N2J C . -7.58 1.57 -6.36
C21 N2J C . -6.62 0.87 -7.11
C22 N2J C . -5.87 1.42 -8.17
C23 N2J C . -6.06 2.75 -8.57
C24 N2J C . -7.01 3.49 -7.87
C25 N2J C . -7.75 2.92 -6.81
C26 N2J C . -8.10 -0.80 -2.31
C32 N2J C . -6.75 -0.55 -3.04
C33 N2J C . -6.68 0.94 -3.31
N27 N2J C . -8.64 -2.20 -2.44
N30 N2J C . -11.16 -2.79 -1.79
O29 N2J C . -9.30 -4.39 -1.36
O31 N2J C . -9.36 -2.35 -0.09
S28 N2J C . -9.57 -2.99 -1.34
H112 N2J C . -10.36 -1.09 -3.69
H111 N2J C . -10.84 0.24 -3.99
H132 N2J C . -9.28 -0.87 -7.28
H131 N2J C . -9.62 -1.95 -6.33
H101 N2J C . -9.47 0.72 -2.18
H011 N2J C . -6.49 3.50 -3.29
H012 N2J C . -7.42 4.58 -2.88
H041 N2J C . -9.53 4.61 -1.31
H051 N2J C . -11.67 5.36 -0.94
H061 N2J C . -13.42 4.69 -2.27
H071 N2J C . -13.01 3.22 -4.00
H081 N2J C . -10.89 2.43 -4.42
H141 N2J C . -11.46 -1.16 -7.77
H142 N2J C . -11.83 -1.35 -6.29
H152 N2J C . -11.76 1.05 -6.01
H151 N2J C . -11.27 1.25 -7.44
H161 N2J C . -13.71 0.00 -7.57
H162 N2J C . -13.33 1.32 -8.27
H172 N2J C . -13.98 2.59 -6.37
H171 N2J C . -14.25 1.33 -5.57
H181 N2J C . -15.89 1.66 -7.87
H183 N2J C . -16.23 2.55 -6.66
H182 N2J C . -16.31 1.04 -6.54
H211 N2J C . -6.43 -0.02 -6.90
H221 N2J C . -5.25 0.91 -8.63
H231 N2J C . -5.58 3.12 -9.28
H241 N2J C . -7.14 4.37 -8.13
H251 N2J C . -8.35 3.49 -6.40
H261 N2J C . -8.02 -0.61 -1.37
H321 N2J C . -5.97 -0.80 -2.52
H322 N2J C . -6.65 -1.06 -3.86
H331 N2J C . -6.31 1.39 -2.53
H332 N2J C . -6.00 1.09 -3.98
H271 N2J C . -8.24 -2.60 -3.09
H302 N2J C . -11.48 -2.84 -2.59
H301 N2J C . -11.81 -2.51 -1.31
#